data_1DZE
#
_entry.id   1DZE
#
_cell.length_a   102.400
_cell.length_b   102.400
_cell.length_c   112.300
_cell.angle_alpha   90.00
_cell.angle_beta   90.00
_cell.angle_gamma   120.00
#
_symmetry.space_group_name_H-M   'P 6 2 2'
#
loop_
_entity.id
_entity.type
_entity.pdbx_description
1 polymer 'BACTERIORHODOPSIN (M INTERMEDIATE)'
2 branched beta-D-galactopyranose-(1-6)-alpha-D-mannopyranose-(1-2)-alpha-D-glucopyranose
3 non-polymer RETINAL
4 non-polymer 3-PHOSPHORYL-[1,2-DI-PHYTANYL]GLYCEROL
5 non-polymer 2,3-DI-PHYTANYL-GLYCEROL
6 non-polymer "2,3-DI-O-PHYTANLY-3-SN-GLYCERO-1-PHOSPHORYL-3'-SN-GLYCEROL-1'-PHOSPHATE"
7 non-polymer 3-[GLYCEROLYLPHOSPHONYL]-[1,2-DI-PHYTANYL]GLYCEROL
8 water water
#
_entity_poly.entity_id   1
_entity_poly.type   'polypeptide(L)'
_entity_poly.pdbx_seq_one_letter_code
;QAQITGRPEWIWLALGTALMGLGTLYFLVKGMGVSDPDAKKFYAITTLVPAIAFTMYLSMLLGYGLTMVPFGGEQNPIYW
ARYADWLFTTPLLLLDLALLVDADQGTILALVGADGIMIGTGLVGALTKVYSYRFVWWAISTAAMLYILYVLFFGFTSKA
ESMRPEVASTFKVLRNVTVVLWSAYPVVWLIGSEGAGIVPLNIETLLFMVLDVSAKVGFGLILLRSRAIFGEAEAPEPSA
GDGAAATS
;
_entity_poly.pdbx_strand_id   A
#
loop_
_chem_comp.id
_chem_comp.type
_chem_comp.name
_chem_comp.formula
GAL D-saccharide, beta linking beta-D-galactopyranose 'C6 H12 O6'
GLC D-saccharide, alpha linking alpha-D-glucopyranose 'C6 H12 O6'
L1P non-polymer 3-PHOSPHORYL-[1,2-DI-PHYTANYL]GLYCEROL 'C43 H89 O6 P'
L2P non-polymer 2,3-DI-PHYTANYL-GLYCEROL 'C43 H88 O3'
L3P non-polymer 2,3-DI-O-PHYTANLY-3-SN-GLYCERO-1-PHOSPHORYL-3'-SN-GLYCEROL-1'-PHOSPHATE 'C46 H94 O11 P2 -2'
L4P non-polymer 3-[GLYCEROLYLPHOSPHONYL]-[1,2-DI-PHYTANYL]GLYCEROL 'C46 H95 O8 P'
MAN D-saccharide, alpha linking alpha-D-mannopyranose 'C6 H12 O6'
RET non-polymer RETINAL 'C20 H28 O'
#
# COMPACT_ATOMS: atom_id res chain seq x y z
N GLY A 6 16.81 14.94 -5.64
CA GLY A 6 15.86 15.00 -4.46
C GLY A 6 16.50 15.65 -3.25
N ARG A 7 15.81 16.62 -2.66
CA ARG A 7 16.30 17.31 -1.47
C ARG A 7 15.18 17.94 -0.63
N PRO A 8 14.37 18.85 -1.22
CA PRO A 8 13.28 19.51 -0.50
C PRO A 8 12.31 18.58 0.24
N GLU A 9 12.03 17.43 -0.37
CA GLU A 9 11.12 16.46 0.20
C GLU A 9 11.77 15.58 1.29
N TRP A 10 13.09 15.69 1.43
CA TRP A 10 13.83 14.90 2.41
C TRP A 10 13.08 14.80 3.74
N ILE A 11 12.48 15.92 4.15
CA ILE A 11 11.75 15.98 5.39
C ILE A 11 10.57 15.02 5.40
N TRP A 12 9.90 14.89 4.25
CA TRP A 12 8.77 13.99 4.14
C TRP A 12 9.25 12.55 4.22
N LEU A 13 10.34 12.25 3.54
CA LEU A 13 10.89 10.91 3.56
C LEU A 13 11.42 10.55 4.94
N ALA A 14 12.10 11.48 5.60
CA ALA A 14 12.65 11.22 6.92
C ALA A 14 11.53 11.07 7.97
N LEU A 15 10.40 11.71 7.71
CA LEU A 15 9.23 11.65 8.58
C LEU A 15 8.50 10.32 8.39
N GLY A 16 8.51 9.84 7.16
CA GLY A 16 7.88 8.57 6.85
C GLY A 16 8.74 7.43 7.36
N THR A 17 10.05 7.65 7.42
CA THR A 17 10.99 6.64 7.91
C THR A 17 10.81 6.48 9.41
N ALA A 18 10.55 7.59 10.09
CA ALA A 18 10.34 7.60 11.53
C ALA A 18 9.05 6.91 11.92
N LEU A 19 7.95 7.36 11.33
CA LEU A 19 6.63 6.80 11.61
C LEU A 19 6.58 5.29 11.35
N MET A 20 6.98 4.85 10.16
CA MET A 20 6.97 3.43 9.82
C MET A 20 7.83 2.68 10.83
N GLY A 21 8.97 3.26 11.18
CA GLY A 21 9.86 2.65 12.16
C GLY A 21 9.15 2.48 13.49
N LEU A 22 8.54 3.56 13.98
CA LEU A 22 7.82 3.52 15.24
C LEU A 22 6.61 2.59 15.10
N GLY A 23 5.99 2.59 13.93
CA GLY A 23 4.85 1.74 13.66
C GLY A 23 5.17 0.26 13.79
N THR A 24 6.39 -0.12 13.44
CA THR A 24 6.82 -1.51 13.54
C THR A 24 7.05 -1.86 15.02
N LEU A 25 7.75 -0.98 15.71
CA LEU A 25 8.06 -1.17 17.14
C LEU A 25 6.80 -1.38 17.98
N TYR A 26 5.78 -0.58 17.70
CA TYR A 26 4.52 -0.64 18.41
C TYR A 26 3.85 -2.00 18.28
N PHE A 27 3.67 -2.45 17.04
CA PHE A 27 3.05 -3.74 16.75
C PHE A 27 3.83 -4.92 17.31
N LEU A 28 5.16 -4.86 17.20
CA LEU A 28 6.02 -5.93 17.72
C LEU A 28 5.78 -6.06 19.22
N VAL A 29 5.94 -4.95 19.94
CA VAL A 29 5.76 -4.91 21.39
C VAL A 29 4.31 -5.28 21.76
N LYS A 30 3.36 -4.85 20.92
CA LYS A 30 1.96 -5.14 21.15
C LYS A 30 1.63 -6.63 21.04
N GLY A 31 1.97 -7.23 19.91
CA GLY A 31 1.71 -8.64 19.68
C GLY A 31 2.54 -9.62 20.48
N MET A 32 3.44 -9.11 21.30
CA MET A 32 4.32 -9.96 22.11
C MET A 32 3.58 -10.90 23.07
N GLY A 33 2.49 -10.42 23.65
CA GLY A 33 1.74 -11.24 24.59
C GLY A 33 0.70 -12.16 23.96
N VAL A 34 0.45 -12.01 22.67
CA VAL A 34 -0.55 -12.81 21.96
C VAL A 34 -0.22 -14.30 21.85
N SER A 35 -1.20 -15.11 22.24
CA SER A 35 -1.10 -16.57 22.23
C SER A 35 -1.96 -17.22 21.15
N ASP A 36 -3.04 -16.54 20.80
CA ASP A 36 -3.98 -17.02 19.79
C ASP A 36 -3.36 -17.09 18.40
N PRO A 37 -3.27 -18.30 17.82
CA PRO A 37 -2.69 -18.58 16.49
C PRO A 37 -3.30 -17.81 15.31
N ASP A 38 -4.54 -17.34 15.47
CA ASP A 38 -5.18 -16.54 14.43
C ASP A 38 -4.69 -15.10 14.60
N ALA A 39 -4.78 -14.59 15.82
CA ALA A 39 -4.34 -13.24 16.14
C ALA A 39 -2.85 -13.18 15.84
N LYS A 40 -2.13 -14.22 16.24
CA LYS A 40 -0.69 -14.32 16.03
C LYS A 40 -0.33 -14.25 14.55
N LYS A 41 -1.25 -14.65 13.68
CA LYS A 41 -1.02 -14.59 12.24
C LYS A 41 -1.29 -13.17 11.79
N PHE A 42 -2.33 -12.56 12.34
CA PHE A 42 -2.69 -11.18 12.03
C PHE A 42 -1.54 -10.25 12.40
N TYR A 43 -0.95 -10.42 13.58
CA TYR A 43 0.19 -9.59 14.00
C TYR A 43 1.40 -9.86 13.13
N ALA A 44 1.50 -11.11 12.64
CA ALA A 44 2.59 -11.48 11.77
C ALA A 44 2.50 -10.74 10.45
N ILE A 45 1.34 -10.83 9.82
CA ILE A 45 1.12 -10.16 8.55
C ILE A 45 1.20 -8.64 8.71
N THR A 46 0.50 -8.11 9.70
CA THR A 46 0.44 -6.67 9.94
C THR A 46 1.75 -5.99 10.36
N THR A 47 2.56 -6.65 11.18
CA THR A 47 3.82 -6.07 11.62
C THR A 47 4.83 -5.96 10.49
N LEU A 48 4.80 -6.95 9.60
CA LEU A 48 5.70 -7.01 8.44
C LEU A 48 5.47 -5.94 7.38
N VAL A 49 4.26 -5.39 7.33
CA VAL A 49 3.96 -4.36 6.35
C VAL A 49 4.80 -3.10 6.59
N PRO A 50 4.76 -2.53 7.81
CA PRO A 50 5.55 -1.32 8.06
C PRO A 50 7.07 -1.58 8.12
N ALA A 51 7.45 -2.77 8.55
CA ALA A 51 8.87 -3.11 8.63
C ALA A 51 9.48 -2.93 7.24
N ILE A 52 8.80 -3.45 6.22
CA ILE A 52 9.27 -3.34 4.83
C ILE A 52 9.23 -1.86 4.45
N ALA A 53 8.11 -1.21 4.76
CA ALA A 53 7.94 0.20 4.46
C ALA A 53 9.06 1.04 5.06
N PHE A 54 9.55 0.62 6.23
CA PHE A 54 10.64 1.32 6.89
C PHE A 54 11.86 1.31 5.97
N THR A 55 12.35 0.11 5.68
CA THR A 55 13.53 -0.05 4.84
C THR A 55 13.41 0.68 3.51
N MET A 56 12.23 0.59 2.88
CA MET A 56 12.05 1.27 1.61
C MET A 56 12.06 2.79 1.74
N TYR A 57 11.52 3.30 2.84
CA TYR A 57 11.51 4.75 3.06
C TYR A 57 12.90 5.25 3.41
N LEU A 58 13.67 4.41 4.11
CA LEU A 58 15.03 4.76 4.48
C LEU A 58 15.90 4.81 3.23
N SER A 59 15.70 3.85 2.33
CA SER A 59 16.46 3.80 1.09
C SER A 59 16.23 5.06 0.27
N MET A 60 15.03 5.61 0.36
CA MET A 60 14.68 6.83 -0.36
C MET A 60 15.35 8.04 0.29
N LEU A 61 15.36 8.08 1.62
CA LEU A 61 15.99 9.18 2.34
C LEU A 61 17.51 9.19 2.11
N LEU A 62 18.15 8.04 2.35
CA LEU A 62 19.59 7.89 2.17
C LEU A 62 20.03 7.98 0.71
N GLY A 63 19.07 8.12 -0.19
CA GLY A 63 19.39 8.29 -1.59
C GLY A 63 19.23 7.11 -2.53
N TYR A 64 19.34 5.91 -1.99
CA TYR A 64 19.25 4.70 -2.79
C TYR A 64 17.99 4.57 -3.65
N GLY A 65 16.82 4.51 -2.99
CA GLY A 65 15.57 4.36 -3.70
C GLY A 65 15.14 5.42 -4.71
N LEU A 66 16.07 6.28 -5.12
CA LEU A 66 15.77 7.33 -6.09
C LEU A 66 16.54 7.07 -7.37
N THR A 67 15.86 7.26 -8.50
CA THR A 67 16.46 7.08 -9.80
C THR A 67 16.13 8.31 -10.66
N MET A 68 16.67 8.35 -11.87
CA MET A 68 16.41 9.45 -12.79
C MET A 68 15.95 8.85 -14.11
N VAL A 69 14.74 9.20 -14.52
CA VAL A 69 14.19 8.70 -15.77
C VAL A 69 13.95 9.85 -16.73
N PRO A 70 14.49 9.76 -17.95
CA PRO A 70 14.30 10.83 -18.93
C PRO A 70 13.03 10.70 -19.76
N PHE A 71 12.07 11.58 -19.51
CA PHE A 71 10.84 11.61 -20.28
C PHE A 71 10.50 13.08 -20.45
N GLY A 72 10.23 13.46 -21.70
CA GLY A 72 9.96 14.86 -22.00
C GLY A 72 11.33 15.50 -22.21
N GLY A 73 11.42 16.80 -22.01
CA GLY A 73 12.70 17.46 -22.17
C GLY A 73 13.35 17.54 -20.81
N GLU A 74 13.39 16.43 -20.09
CA GLU A 74 13.98 16.39 -18.75
C GLU A 74 14.34 14.99 -18.23
N GLN A 75 15.29 14.98 -17.30
CA GLN A 75 15.66 13.77 -16.56
C GLN A 75 14.88 13.85 -15.25
N ASN A 76 13.89 12.99 -15.09
CA ASN A 76 13.00 13.08 -13.94
C ASN A 76 13.29 12.13 -12.79
N PRO A 77 13.39 12.66 -11.55
CA PRO A 77 13.66 11.89 -10.34
C PRO A 77 12.47 11.02 -9.97
N ILE A 78 12.64 9.71 -10.11
CA ILE A 78 11.62 8.73 -9.79
C ILE A 78 12.04 7.89 -8.59
N TYR A 79 11.22 7.87 -7.53
CA TYR A 79 11.53 7.08 -6.36
C TYR A 79 10.94 5.70 -6.62
N TRP A 80 11.78 4.76 -7.05
CA TRP A 80 11.33 3.39 -7.32
C TRP A 80 11.11 2.55 -6.07
N ALA A 81 11.78 2.88 -4.97
CA ALA A 81 11.63 2.14 -3.72
C ALA A 81 10.17 2.13 -3.30
N ARG A 82 9.40 3.04 -3.86
CA ARG A 82 7.97 3.11 -3.59
C ARG A 82 7.29 1.88 -4.17
N TYR A 83 7.71 1.51 -5.37
CA TYR A 83 7.15 0.35 -6.04
C TYR A 83 7.64 -0.94 -5.40
N ALA A 84 8.90 -0.98 -4.99
CA ALA A 84 9.48 -2.14 -4.34
C ALA A 84 8.78 -2.40 -3.00
N ASP A 85 8.28 -1.32 -2.39
CA ASP A 85 7.57 -1.32 -1.12
C ASP A 85 6.17 -1.86 -1.31
N TRP A 86 5.43 -1.23 -2.21
CA TRP A 86 4.08 -1.62 -2.49
C TRP A 86 3.98 -3.02 -3.05
N LEU A 87 5.05 -3.53 -3.65
CA LEU A 87 5.04 -4.87 -4.23
C LEU A 87 4.80 -5.98 -3.19
N PHE A 88 5.43 -5.88 -2.03
CA PHE A 88 5.27 -6.89 -0.98
C PHE A 88 4.25 -6.46 0.06
N THR A 89 4.10 -5.14 0.19
CA THR A 89 3.18 -4.54 1.15
C THR A 89 1.68 -4.68 0.87
N THR A 90 1.26 -4.37 -0.36
CA THR A 90 -0.16 -4.50 -0.71
C THR A 90 -0.70 -5.94 -0.70
N PRO A 91 0.14 -6.95 -1.02
CA PRO A 91 -0.35 -8.33 -1.01
C PRO A 91 -0.61 -8.77 0.43
N LEU A 92 0.25 -8.34 1.34
CA LEU A 92 0.12 -8.65 2.75
C LEU A 92 -1.13 -8.00 3.32
N LEU A 93 -1.41 -6.77 2.89
CA LEU A 93 -2.61 -6.06 3.34
C LEU A 93 -3.85 -6.77 2.79
N LEU A 94 -3.69 -7.41 1.64
CA LEU A 94 -4.75 -8.16 0.98
C LEU A 94 -5.03 -9.47 1.72
N LEU A 95 -3.99 -9.99 2.37
CA LEU A 95 -4.08 -11.23 3.11
C LEU A 95 -4.75 -11.01 4.46
N ASP A 96 -4.52 -9.84 5.05
CA ASP A 96 -5.14 -9.47 6.33
C ASP A 96 -6.64 -9.51 6.11
N LEU A 97 -7.09 -8.78 5.10
CA LEU A 97 -8.49 -8.70 4.73
C LEU A 97 -9.09 -10.05 4.37
N ALA A 98 -8.31 -10.89 3.68
CA ALA A 98 -8.75 -12.23 3.30
C ALA A 98 -8.84 -13.21 4.47
N LEU A 99 -7.91 -13.12 5.42
CA LEU A 99 -7.93 -14.00 6.61
C LEU A 99 -9.14 -13.65 7.46
N LEU A 100 -9.32 -12.35 7.64
CA LEU A 100 -10.40 -11.76 8.39
C LEU A 100 -11.74 -12.28 7.89
N VAL A 101 -11.95 -12.08 6.59
CA VAL A 101 -13.19 -12.48 5.92
C VAL A 101 -13.29 -13.97 5.63
N ASP A 102 -12.15 -14.67 5.70
CA ASP A 102 -12.08 -16.11 5.45
C ASP A 102 -12.31 -16.44 3.97
N ALA A 103 -11.48 -15.87 3.09
CA ALA A 103 -11.62 -16.08 1.65
C ALA A 103 -11.06 -17.39 1.06
N ASP A 104 -11.53 -17.72 -0.14
CA ASP A 104 -11.13 -18.93 -0.87
C ASP A 104 -9.70 -18.80 -1.40
N GLN A 105 -8.99 -19.92 -1.47
CA GLN A 105 -7.62 -19.91 -1.97
C GLN A 105 -7.61 -19.44 -3.43
N GLY A 106 -8.76 -19.58 -4.08
CA GLY A 106 -8.87 -19.16 -5.47
C GLY A 106 -8.96 -17.64 -5.65
N THR A 107 -9.77 -17.00 -4.81
CA THR A 107 -9.94 -15.55 -4.87
C THR A 107 -8.68 -14.81 -4.41
N ILE A 108 -7.98 -15.38 -3.42
CA ILE A 108 -6.75 -14.78 -2.90
C ILE A 108 -5.67 -14.76 -3.99
N LEU A 109 -5.58 -15.85 -4.74
CA LEU A 109 -4.62 -15.99 -5.83
C LEU A 109 -4.97 -15.01 -6.96
N ALA A 110 -6.25 -14.69 -7.08
CA ALA A 110 -6.72 -13.77 -8.11
C ALA A 110 -6.24 -12.40 -7.70
N LEU A 111 -6.52 -12.05 -6.44
CA LEU A 111 -6.13 -10.78 -5.86
C LEU A 111 -4.63 -10.56 -5.80
N VAL A 112 -3.87 -11.54 -5.32
CA VAL A 112 -2.42 -11.40 -5.25
C VAL A 112 -1.88 -11.31 -6.68
N GLY A 113 -2.45 -12.10 -7.58
CA GLY A 113 -2.02 -12.08 -8.97
C GLY A 113 -2.35 -10.75 -9.63
N ALA A 114 -3.52 -10.20 -9.28
CA ALA A 114 -3.96 -8.91 -9.83
C ALA A 114 -3.18 -7.75 -9.24
N ASP A 115 -2.82 -7.88 -7.96
CA ASP A 115 -2.06 -6.86 -7.22
C ASP A 115 -0.63 -6.76 -7.75
N GLY A 116 -0.01 -7.91 -7.99
CA GLY A 116 1.35 -7.92 -8.51
C GLY A 116 1.38 -7.20 -9.85
N ILE A 117 0.34 -7.43 -10.66
CA ILE A 117 0.22 -6.78 -11.95
C ILE A 117 -0.03 -5.28 -11.79
N MET A 118 -0.73 -4.90 -10.73
CA MET A 118 -1.04 -3.50 -10.49
C MET A 118 0.24 -2.73 -10.14
N ILE A 119 1.11 -3.36 -9.36
CA ILE A 119 2.33 -2.70 -8.97
C ILE A 119 3.39 -2.74 -10.06
N GLY A 120 3.71 -3.93 -10.56
CA GLY A 120 4.71 -4.05 -11.61
C GLY A 120 4.39 -3.20 -12.82
N THR A 121 3.14 -3.26 -13.25
CA THR A 121 2.65 -2.49 -14.39
C THR A 121 2.79 -0.99 -14.11
N GLY A 122 2.54 -0.61 -12.87
CA GLY A 122 2.66 0.79 -12.47
C GLY A 122 4.13 1.18 -12.37
N LEU A 123 5.00 0.19 -12.14
CA LEU A 123 6.43 0.43 -12.05
C LEU A 123 6.95 0.64 -13.47
N VAL A 124 6.44 -0.15 -14.40
CA VAL A 124 6.84 -0.05 -15.79
C VAL A 124 6.50 1.36 -16.25
N GLY A 125 5.36 1.87 -15.78
CA GLY A 125 4.95 3.21 -16.15
C GLY A 125 5.96 4.24 -15.68
N ALA A 126 6.38 4.15 -14.42
CA ALA A 126 7.32 5.10 -13.87
C ALA A 126 8.67 5.13 -14.59
N LEU A 127 9.14 3.97 -15.03
CA LEU A 127 10.43 3.87 -15.72
C LEU A 127 10.39 4.11 -17.23
N THR A 128 9.19 4.18 -17.80
CA THR A 128 9.01 4.40 -19.24
C THR A 128 9.53 5.76 -19.72
N LYS A 129 10.51 5.72 -20.61
CA LYS A 129 11.12 6.93 -21.17
C LYS A 129 10.31 7.63 -22.24
N VAL A 130 9.24 6.98 -22.70
CA VAL A 130 8.35 7.57 -23.69
C VAL A 130 7.15 8.15 -22.89
N TYR A 131 7.13 9.46 -22.71
CA TYR A 131 6.08 10.14 -21.94
C TYR A 131 4.66 9.64 -22.12
N SER A 132 4.22 9.57 -23.38
CA SER A 132 2.87 9.11 -23.70
C SER A 132 2.53 7.75 -23.10
N TYR A 133 3.37 6.77 -23.42
CA TYR A 133 3.21 5.40 -22.96
C TYR A 133 2.99 5.31 -21.47
N ARG A 134 3.75 6.08 -20.71
CA ARG A 134 3.64 6.08 -19.25
C ARG A 134 2.18 6.09 -18.80
N PHE A 135 1.30 6.58 -19.66
CA PHE A 135 -0.15 6.63 -19.40
C PHE A 135 -0.93 5.37 -19.73
N VAL A 136 -0.39 4.55 -20.62
CA VAL A 136 -1.04 3.29 -20.96
C VAL A 136 -0.96 2.38 -19.73
N TRP A 137 0.25 2.22 -19.21
CA TRP A 137 0.54 1.41 -18.02
C TRP A 137 -0.22 1.90 -16.80
N TRP A 138 -0.39 3.21 -16.70
CA TRP A 138 -1.15 3.77 -15.59
C TRP A 138 -2.58 3.26 -15.74
N ALA A 139 -3.06 3.22 -16.99
CA ALA A 139 -4.42 2.75 -17.29
C ALA A 139 -4.58 1.26 -16.98
N ILE A 140 -3.57 0.46 -17.34
CA ILE A 140 -3.60 -0.97 -17.09
C ILE A 140 -3.46 -1.25 -15.57
N SER A 141 -2.66 -0.43 -14.91
CA SER A 141 -2.43 -0.53 -13.47
C SER A 141 -3.67 -0.20 -12.64
N THR A 142 -4.44 0.78 -13.10
CA THR A 142 -5.67 1.20 -12.43
C THR A 142 -6.85 0.28 -12.72
N ALA A 143 -6.86 -0.32 -13.91
CA ALA A 143 -7.91 -1.24 -14.27
C ALA A 143 -7.85 -2.42 -13.29
N ALA A 144 -6.61 -2.86 -13.02
CA ALA A 144 -6.33 -3.96 -12.09
C ALA A 144 -6.61 -3.62 -10.64
N MET A 145 -6.53 -2.33 -10.30
CA MET A 145 -6.83 -1.90 -8.94
C MET A 145 -8.35 -1.92 -8.78
N LEU A 146 -9.05 -1.51 -9.83
CA LEU A 146 -10.50 -1.48 -9.82
C LEU A 146 -11.04 -2.88 -9.65
N TYR A 147 -10.40 -3.84 -10.32
CA TYR A 147 -10.79 -5.24 -10.20
C TYR A 147 -10.62 -5.75 -8.78
N ILE A 148 -9.57 -5.26 -8.11
CA ILE A 148 -9.25 -5.67 -6.75
C ILE A 148 -10.18 -5.06 -5.72
N LEU A 149 -10.47 -3.76 -5.86
CA LEU A 149 -11.36 -3.09 -4.93
C LEU A 149 -12.80 -3.59 -5.12
N TYR A 150 -13.07 -4.16 -6.29
CA TYR A 150 -14.39 -4.71 -6.61
C TYR A 150 -14.73 -5.97 -5.80
N VAL A 151 -13.87 -6.98 -5.88
CA VAL A 151 -14.11 -8.22 -5.13
C VAL A 151 -13.82 -8.00 -3.65
N LEU A 152 -13.05 -6.96 -3.35
CA LEU A 152 -12.72 -6.63 -1.96
C LEU A 152 -13.92 -5.94 -1.32
N PHE A 153 -14.75 -5.34 -2.16
CA PHE A 153 -15.94 -4.62 -1.71
C PHE A 153 -17.19 -5.48 -1.82
N PHE A 154 -17.42 -6.04 -3.00
CA PHE A 154 -18.62 -6.86 -3.22
C PHE A 154 -18.46 -8.35 -2.90
N GLY A 155 -17.24 -8.86 -2.93
CA GLY A 155 -17.00 -10.27 -2.67
C GLY A 155 -16.72 -10.53 -1.21
N PHE A 156 -15.77 -9.80 -0.65
CA PHE A 156 -15.41 -9.94 0.75
C PHE A 156 -16.50 -9.54 1.74
N THR A 157 -17.23 -8.48 1.44
CA THR A 157 -18.29 -8.02 2.32
C THR A 157 -19.28 -9.14 2.64
N SER A 158 -19.85 -9.74 1.59
CA SER A 158 -20.81 -10.85 1.75
C SER A 158 -20.15 -11.98 2.54
N LYS A 159 -18.86 -12.13 2.32
CA LYS A 159 -18.07 -13.16 3.00
C LYS A 159 -17.92 -12.86 4.49
N ALA A 160 -17.89 -11.57 4.84
CA ALA A 160 -17.75 -11.13 6.23
C ALA A 160 -19.07 -11.18 6.97
N GLU A 161 -20.15 -11.14 6.22
CA GLU A 161 -21.49 -11.15 6.78
C GLU A 161 -21.80 -12.47 7.48
N SER A 162 -21.26 -13.58 6.98
CA SER A 162 -21.50 -14.86 7.62
C SER A 162 -20.51 -15.11 8.78
N MET A 163 -20.10 -14.05 9.46
CA MET A 163 -19.15 -14.17 10.56
C MET A 163 -19.61 -13.36 11.78
N ARG A 164 -18.90 -13.56 12.89
CA ARG A 164 -19.19 -12.85 14.13
C ARG A 164 -19.21 -11.35 13.85
N PRO A 165 -20.22 -10.64 14.38
CA PRO A 165 -20.37 -9.19 14.17
C PRO A 165 -19.14 -8.32 14.45
N GLU A 166 -18.32 -8.69 15.43
CA GLU A 166 -17.12 -7.93 15.74
C GLU A 166 -16.19 -8.00 14.53
N VAL A 167 -16.19 -9.16 13.88
CA VAL A 167 -15.39 -9.39 12.68
C VAL A 167 -16.06 -8.71 11.49
N ALA A 168 -17.36 -8.92 11.36
CA ALA A 168 -18.13 -8.34 10.27
C ALA A 168 -17.93 -6.83 10.17
N SER A 169 -18.03 -6.15 11.31
CA SER A 169 -17.88 -4.71 11.39
C SER A 169 -16.44 -4.24 11.17
N THR A 170 -15.50 -4.83 11.90
CA THR A 170 -14.10 -4.44 11.74
C THR A 170 -13.74 -4.49 10.27
N PHE A 171 -14.25 -5.51 9.57
CA PHE A 171 -13.99 -5.62 8.16
C PHE A 171 -14.58 -4.42 7.43
N LYS A 172 -15.82 -4.05 7.75
CA LYS A 172 -16.46 -2.90 7.12
C LYS A 172 -15.59 -1.65 7.20
N VAL A 173 -15.07 -1.37 8.40
CA VAL A 173 -14.20 -0.21 8.60
C VAL A 173 -13.03 -0.32 7.63
N LEU A 174 -12.23 -1.37 7.77
CA LEU A 174 -11.07 -1.61 6.92
C LEU A 174 -11.38 -1.60 5.42
N ARG A 175 -12.52 -2.15 5.05
CA ARG A 175 -12.94 -2.21 3.64
C ARG A 175 -13.00 -0.82 3.06
N ASN A 176 -13.71 0.07 3.76
CA ASN A 176 -13.84 1.44 3.30
C ASN A 176 -12.47 2.08 3.29
N VAL A 177 -11.72 1.89 4.37
CA VAL A 177 -10.39 2.45 4.49
C VAL A 177 -9.47 2.07 3.31
N THR A 178 -9.51 0.83 2.85
CA THR A 178 -8.66 0.46 1.72
C THR A 178 -9.21 0.96 0.38
N VAL A 179 -10.52 0.86 0.18
CA VAL A 179 -11.11 1.32 -1.07
C VAL A 179 -10.82 2.80 -1.28
N VAL A 180 -11.01 3.60 -0.24
CA VAL A 180 -10.75 5.03 -0.33
C VAL A 180 -9.27 5.36 -0.46
N LEU A 181 -8.44 4.82 0.44
CA LEU A 181 -7.00 5.07 0.38
C LEU A 181 -6.37 4.61 -0.93
N TRP A 182 -6.58 3.34 -1.27
CA TRP A 182 -6.01 2.74 -2.48
C TRP A 182 -6.27 3.53 -3.75
N SER A 183 -7.49 4.02 -3.92
CA SER A 183 -7.82 4.78 -5.12
C SER A 183 -7.25 6.19 -5.18
N ALA A 184 -6.42 6.53 -4.20
CA ALA A 184 -5.79 7.84 -4.15
C ALA A 184 -4.45 7.81 -4.88
N TYR A 185 -3.80 6.65 -4.86
CA TYR A 185 -2.52 6.48 -5.52
C TYR A 185 -2.53 6.77 -7.03
N PRO A 186 -3.49 6.18 -7.78
CA PRO A 186 -3.52 6.45 -9.22
C PRO A 186 -3.91 7.89 -9.54
N VAL A 187 -4.40 8.61 -8.54
CA VAL A 187 -4.78 10.01 -8.69
C VAL A 187 -3.58 10.89 -8.36
N VAL A 188 -2.87 10.53 -7.30
CA VAL A 188 -1.68 11.26 -6.88
C VAL A 188 -0.60 11.07 -7.95
N TRP A 189 -0.47 9.84 -8.44
CA TRP A 189 0.52 9.51 -9.46
C TRP A 189 0.29 10.35 -10.70
N LEU A 190 -0.92 10.30 -11.23
CA LEU A 190 -1.30 11.03 -12.43
C LEU A 190 -0.98 12.52 -12.37
N ILE A 191 -1.25 13.18 -11.24
CA ILE A 191 -0.96 14.60 -11.13
C ILE A 191 0.47 14.88 -10.67
N GLY A 192 1.14 13.88 -10.11
CA GLY A 192 2.50 14.06 -9.65
C GLY A 192 3.49 14.10 -10.79
N SER A 193 4.77 14.18 -10.46
CA SER A 193 5.83 14.28 -11.47
C SER A 193 5.99 13.05 -12.37
N GLU A 194 5.51 11.90 -11.92
CA GLU A 194 5.60 10.67 -12.71
C GLU A 194 4.64 10.67 -13.88
N GLY A 195 3.60 11.50 -13.79
CA GLY A 195 2.62 11.59 -14.85
C GLY A 195 2.42 12.99 -15.35
N ALA A 196 1.16 13.35 -15.58
CA ALA A 196 0.78 14.68 -16.07
C ALA A 196 1.12 15.70 -15.00
N GLY A 197 2.39 16.11 -14.95
CA GLY A 197 2.84 17.05 -13.94
C GLY A 197 1.92 18.23 -13.71
N ILE A 198 1.25 18.21 -12.57
CA ILE A 198 0.32 19.27 -12.16
C ILE A 198 0.71 19.68 -10.74
N VAL A 199 1.38 18.76 -10.06
CA VAL A 199 1.86 18.95 -8.68
C VAL A 199 3.37 18.66 -8.66
N PRO A 200 4.13 19.42 -7.86
CA PRO A 200 5.59 19.19 -7.78
C PRO A 200 5.94 17.95 -6.97
N LEU A 201 7.18 17.49 -7.11
CA LEU A 201 7.68 16.32 -6.41
C LEU A 201 7.52 16.41 -4.89
N ASN A 202 7.85 17.57 -4.34
CA ASN A 202 7.75 17.81 -2.89
C ASN A 202 6.37 17.48 -2.35
N ILE A 203 5.34 17.85 -3.11
CA ILE A 203 3.95 17.60 -2.73
C ILE A 203 3.62 16.13 -2.97
N GLU A 204 3.88 15.66 -4.18
CA GLU A 204 3.62 14.26 -4.54
C GLU A 204 4.17 13.36 -3.41
N THR A 205 5.40 13.63 -3.02
CA THR A 205 6.06 12.87 -1.95
C THR A 205 5.34 13.05 -0.63
N LEU A 206 4.81 14.24 -0.37
CA LEU A 206 4.10 14.46 0.87
C LEU A 206 2.84 13.60 0.85
N LEU A 207 2.12 13.69 -0.26
CA LEU A 207 0.89 12.94 -0.44
C LEU A 207 1.05 11.45 -0.29
N PHE A 208 2.02 10.86 -0.97
CA PHE A 208 2.28 9.43 -0.87
C PHE A 208 2.70 9.07 0.55
N MET A 209 3.32 10.02 1.23
CA MET A 209 3.77 9.79 2.59
C MET A 209 2.56 9.65 3.50
N VAL A 210 1.54 10.47 3.26
CA VAL A 210 0.33 10.40 4.08
C VAL A 210 -0.48 9.13 3.80
N LEU A 211 -0.59 8.74 2.54
CA LEU A 211 -1.30 7.53 2.18
C LEU A 211 -0.58 6.28 2.72
N ASP A 212 0.75 6.26 2.58
CA ASP A 212 1.53 5.13 3.06
C ASP A 212 1.39 4.94 4.56
N VAL A 213 1.55 6.00 5.32
CA VAL A 213 1.41 5.88 6.77
C VAL A 213 0.00 5.42 7.13
N SER A 214 -1.00 6.06 6.53
CA SER A 214 -2.39 5.69 6.81
C SER A 214 -2.66 4.22 6.47
N ALA A 215 -2.36 3.84 5.23
CA ALA A 215 -2.57 2.48 4.75
C ALA A 215 -1.77 1.42 5.52
N LYS A 216 -0.51 1.70 5.80
CA LYS A 216 0.32 0.73 6.51
C LYS A 216 0.14 0.75 8.02
N VAL A 217 0.38 1.91 8.64
CA VAL A 217 0.24 2.03 10.09
C VAL A 217 -1.21 2.21 10.60
N GLY A 218 -1.94 3.14 10.00
CA GLY A 218 -3.32 3.38 10.41
C GLY A 218 -4.20 2.15 10.35
N PHE A 219 -4.18 1.49 9.19
CA PHE A 219 -4.93 0.27 8.93
C PHE A 219 -4.58 -0.75 10.02
N GLY A 220 -3.27 -0.88 10.28
CA GLY A 220 -2.78 -1.79 11.29
C GLY A 220 -3.38 -1.52 12.66
N LEU A 221 -3.42 -0.25 13.04
CA LEU A 221 -4.00 0.15 14.33
C LEU A 221 -5.45 -0.28 14.39
N ILE A 222 -6.25 0.15 13.40
CA ILE A 222 -7.66 -0.21 13.35
C ILE A 222 -7.83 -1.71 13.59
N LEU A 223 -7.13 -2.50 12.80
CA LEU A 223 -7.18 -3.96 12.88
C LEU A 223 -6.61 -4.57 14.17
N LEU A 224 -5.34 -4.31 14.47
CA LEU A 224 -4.72 -4.89 15.66
C LEU A 224 -5.36 -4.52 17.00
N ARG A 225 -5.96 -3.34 17.06
CA ARG A 225 -6.58 -2.89 18.29
C ARG A 225 -8.05 -3.33 18.42
N SER A 226 -8.45 -4.29 17.60
CA SER A 226 -9.78 -4.82 17.62
C SER A 226 -9.72 -6.25 18.16
N ARG A 227 -10.89 -6.83 18.41
CA ARG A 227 -10.98 -8.20 18.89
C ARG A 227 -11.27 -9.10 17.69
N ALA A 228 -11.52 -8.48 16.55
CA ALA A 228 -11.83 -9.20 15.32
C ALA A 228 -10.71 -10.13 14.88
N ILE A 229 -9.49 -9.86 15.32
CA ILE A 229 -8.35 -10.70 14.96
C ILE A 229 -8.27 -12.04 15.69
N PHE A 230 -9.08 -12.23 16.73
CA PHE A 230 -9.04 -13.47 17.48
C PHE A 230 -9.84 -14.64 16.88
C1 GLC B . 14.97 0.35 -16.24
C2 GLC B . 15.85 0.89 -17.41
C3 GLC B . 17.28 1.07 -16.90
C4 GLC B . 17.21 2.05 -15.73
C5 GLC B . 16.33 1.51 -14.58
C6 GLC B . 15.85 2.48 -13.53
O2 GLC B . 15.90 -0.02 -18.53
O3 GLC B . 18.12 1.73 -17.87
O4 GLC B . 18.48 2.25 -15.19
O5 GLC B . 14.97 1.30 -15.14
O6 GLC B . 15.41 3.73 -14.00
C1 MAN B . 15.14 0.40 -19.66
C2 MAN B . 14.32 -0.82 -20.07
C3 MAN B . 15.30 -1.94 -20.49
C4 MAN B . 16.11 -1.42 -21.66
C5 MAN B . 16.88 -0.17 -21.23
C6 MAN B . 17.68 0.45 -22.37
O2 MAN B . 13.51 -0.45 -21.19
O3 MAN B . 14.57 -3.08 -20.89
O4 MAN B . 17.02 -2.41 -22.11
O5 MAN B . 15.96 0.84 -20.74
O6 MAN B . 17.00 1.53 -23.01
C1 GAL B . 17.54 1.98 -24.28
C2 GAL B . 16.55 1.82 -25.44
C3 GAL B . 17.26 2.27 -26.70
C4 GAL B . 17.75 3.76 -26.60
C5 GAL B . 18.66 3.90 -25.34
C6 GAL B . 18.97 5.37 -25.00
O2 GAL B . 16.11 0.47 -25.54
O3 GAL B . 16.41 2.13 -27.79
O4 GAL B . 16.65 4.63 -26.49
O5 GAL B . 17.95 3.35 -24.18
O6 GAL B . 19.78 5.44 -23.84
C1 RET C . 0.30 3.12 -8.86
C2 RET C . 0.59 3.42 -10.35
C3 RET C . -0.46 4.01 -11.10
C4 RET C . -1.72 3.21 -11.04
C5 RET C . -2.06 2.70 -9.66
C6 RET C . -1.16 2.64 -8.64
C7 RET C . -1.71 2.11 -7.32
C8 RET C . -0.87 1.84 -6.31
C9 RET C . -1.38 1.35 -5.03
C10 RET C . -0.57 1.35 -3.94
C11 RET C . -1.08 0.89 -2.68
C12 RET C . -0.41 1.07 -1.55
C13 RET C . -0.93 0.63 -0.26
C14 RET C . -0.16 0.49 0.82
C15 RET C . 1.26 0.77 0.88
C16 RET C . 1.34 2.08 -8.44
C17 RET C . 0.61 4.42 -8.13
C18 RET C . -3.49 2.25 -9.49
C19 RET C . -2.78 0.86 -4.92
C20 RET C . -2.38 0.32 -0.12
C1 L1P D . 5.38 -14.09 15.69
O1 L1P D . 4.85 -12.85 16.16
C2 L1P D . 6.02 -14.85 16.86
O2 L1P D . 7.19 -14.13 17.30
C3 L1P D . 6.41 -16.26 16.39
O3 L1P D . 6.58 -17.14 17.51
P L1P D . 5.32 -17.86 18.23
O1P L1P D . 5.76 -18.46 19.51
O2P L1P D . 4.76 -18.92 17.36
O3P L1P D . 4.19 -16.75 18.54
C11 L1P D . 4.69 -11.77 15.24
C12 L1P D . 5.99 -10.96 15.17
C13 L1P D . 6.06 -10.22 13.84
C14 L1P D . 5.36 -11.06 12.78
C15 L1P D . 7.51 -10.07 13.42
C16 L1P D . 7.57 -9.60 11.96
C17 L1P D . 9.00 -9.71 11.45
C18 L1P D . 9.71 -8.40 11.72
C19 L1P D . 9.00 -7.26 10.98
C20 L1P D . 11.15 -8.49 11.24
C21 L1P D . 12.08 -7.84 12.28
C22 L1P D . 13.34 -7.33 11.59
C23 L1P D . 13.13 -5.88 11.17
C24 L1P D . 13.20 -5.79 9.64
C25 L1P D . 14.22 -4.99 11.79
C26 L1P D . 13.98 -3.54 11.36
C27 L1P D . 14.39 -2.58 12.50
C28 L1P D . 13.17 -1.81 13.05
C29 L1P D . 13.51 -0.32 13.20
C30 L1P D . 11.95 -1.96 12.13
C41 L1P D . 7.93 -14.58 18.46
C42 L1P D . 7.80 -13.55 19.60
C43 L1P D . 9.06 -13.60 20.49
C44 L1P D . 9.29 -15.02 21.00
C45 L1P D . 8.90 -12.65 21.67
C46 L1P D . 10.08 -11.68 21.73
C47 L1P D . 10.09 -10.82 20.46
C48 L1P D . 11.27 -9.84 20.51
C49 L1P D . 10.77 -8.43 20.22
C50 L1P D . 12.29 -10.24 19.44
C1 L2P E . 12.75 -2.36 -14.76
O1 L2P E . 12.25 -3.68 -14.61
C2 L2P E . 13.76 -2.30 -15.89
O2 L2P E . 13.83 -3.57 -16.54
C3 L2P E . 15.12 -1.94 -15.29
O3 L2P E . 15.69 -0.87 -16.04
C11 L2P E . 10.90 -3.97 -14.95
C12 L2P E . 10.41 -5.17 -14.14
C13 L2P E . 9.11 -5.70 -14.74
C14 L2P E . 8.06 -4.59 -14.67
C15 L2P E . 8.62 -6.90 -13.96
C16 L2P E . 7.36 -7.45 -14.63
C17 L2P E . 6.13 -6.87 -13.95
C18 L2P E . 5.01 -7.89 -14.00
C19 L2P E . 3.68 -7.15 -14.14
C20 L2P E . 5.04 -8.68 -12.70
C21 L2P E . 3.82 -9.57 -12.58
C22 L2P E . 3.81 -10.13 -11.16
C23 L2P E . 2.92 -11.37 -11.13
C24 L2P E . 1.50 -10.97 -11.52
C25 L2P E . 2.92 -11.94 -9.71
C26 L2P E . 1.81 -13.00 -9.60
C27 L2P E . 2.43 -14.39 -9.77
C28 L2P E . 2.02 -15.28 -8.59
C29 L2P E . 2.80 -14.86 -7.33
C30 L2P E . 0.52 -15.15 -8.32
C41 L2P E . 15.04 -4.01 -17.20
C42 L2P E . 15.66 -5.16 -16.39
C43 L2P E . 16.85 -5.79 -17.16
C44 L2P E . 16.37 -6.40 -18.47
C45 L2P E . 17.51 -6.89 -16.32
C46 L2P E . 16.67 -8.18 -16.38
C47 L2P E . 15.35 -7.94 -15.65
C48 L2P E . 14.71 -9.27 -15.25
C49 L2P E . 14.41 -10.08 -16.49
C50 L2P E . 13.41 -8.95 -14.54
C51 L2P E . 12.94 -10.19 -13.81
C52 L2P E . 12.19 -9.75 -12.55
C53 L2P E . 10.85 -10.48 -12.50
C54 L2P E . 10.02 -10.09 -13.73
C55 L2P E . 10.11 -10.09 -11.22
C56 L2P E . 9.84 -8.59 -11.19
C57 L2P E . 9.29 -8.21 -9.81
C1 L3P F . 19.80 9.01 8.20
C2 L3P F . 21.10 9.80 7.97
C3 L3P F . 21.09 10.53 6.60
C4 L3P F . 20.33 12.68 2.72
C5 L3P F . 21.23 12.04 1.65
C6 L3P F . 20.46 11.62 0.41
O1 L3P F . 19.96 8.08 9.31
O2 L3P F . 21.33 10.72 9.06
O3 L3P F . 20.08 11.57 6.55
O4 L3P F . 20.57 12.03 3.98
O5 L3P F . 22.29 12.93 1.31
O6 L3P F . 19.37 12.48 0.07
O1P L3P F . 21.05 13.76 5.75
O2P L3P F . 18.73 13.25 5.22
O4P L3P F . 19.62 12.17 -2.41
O5P L3P F . 18.06 10.77 -1.21
O6P L3P F . 17.54 13.10 -1.59
P1 L3P F . 20.09 12.68 5.37
P2 L3P F . 18.62 12.13 -1.31
C11 L3P F . 18.96 7.07 9.55
C12 L3P F . 19.27 6.29 10.83
C13 L3P F . 18.48 4.97 10.88
C14 L3P F . 16.97 5.27 10.90
C15 L3P F . 18.85 4.22 12.16
C16 L3P F . 18.17 2.85 12.20
C17 L3P F . 18.81 2.02 13.32
C18 L3P F . 18.55 0.52 13.09
C19 L3P F . 17.43 0.05 14.03
C20 L3P F . 19.84 -0.26 13.41
C21 L3P F . 19.51 -1.73 13.67
C41 L3P F . 20.44 11.81 9.32
C42 L3P F . 19.34 11.38 10.31
C43 L3P F . 18.12 12.29 10.15
C44 L3P F . 18.53 13.74 10.35
C45 L3P F . 17.07 11.91 11.20
C46 L3P F . 16.06 10.95 10.58
C47 L3P F . 15.38 10.16 11.70
C48 L3P F . 14.91 8.82 11.15
C49 L3P F . 13.42 8.90 10.85
C50 L3P F . 15.16 7.73 12.18
C1 L4P G . -2.30 12.93 -19.03
C2 L4P G . -1.91 14.12 -19.93
C3 L4P G . -0.66 14.81 -19.36
C4 L4P G . 0.02 19.05 -18.79
C5 L4P G . 1.04 20.04 -18.20
C6 L4P G . 0.32 21.34 -17.84
O1 L4P G . -3.60 12.42 -19.42
O2 L4P G . -1.56 13.65 -21.24
O3 L4P G . -0.66 16.18 -19.78
O4 L4P G . 0.54 18.52 -20.01
O5 L4P G . 1.62 19.48 -17.03
O1P L4P G . 1.05 16.63 -21.60
O2P L4P G . 1.84 16.47 -19.32
P1 L4P G . 0.73 16.93 -20.19
C11 L4P G . -4.07 11.16 -18.91
C12 L4P G . -5.39 10.81 -19.61
C13 L4P G . -6.16 9.72 -18.84
C14 L4P G . -6.26 10.08 -17.35
C15 L4P G . -5.49 8.36 -19.02
C16 L4P G . -6.13 7.62 -20.20
C17 L4P G . -5.93 6.11 -20.04
C18 L4P G . -6.96 5.32 -20.87
C19 L4P G . -6.61 5.41 -22.36
C20 L4P G . -8.39 5.86 -20.62
C21 L4P G . -9.41 5.22 -21.59
C22 L4P G . -9.25 3.69 -21.59
C23 L4P G . -10.59 3.01 -21.89
C24 L4P G . -11.30 2.71 -20.56
C25 L4P G . -10.32 1.70 -22.65
C26 L4P G . -11.52 0.74 -22.58
C27 L4P G . -12.76 1.40 -23.21
C28 L4P G . -13.31 0.52 -24.34
C29 L4P G . -14.46 -0.34 -23.80
C30 L4P G . -13.87 1.42 -25.45
C41 L4P G . -2.49 12.89 -22.01
C42 L4P G . -1.75 12.14 -23.11
C43 L4P G . -2.62 11.00 -23.68
C44 L4P G . -4.05 11.08 -23.13
C45 L4P G . -1.99 9.65 -23.32
C46 L4P G . -2.87 8.51 -23.83
C47 L4P G . -3.51 7.77 -22.65
C1 L2P H . 1.24 -1.94 25.56
O1 L2P H . 2.62 -1.79 25.33
C2 L2P H . 0.69 -2.92 24.54
O2 L2P H . -0.36 -2.33 23.75
C3 L2P H . 0.17 -4.16 25.27
O3 L2P H . 1.17 -4.62 26.19
C11 L2P H . 3.07 -1.02 24.23
C12 L2P H . 3.76 0.23 24.78
C13 L2P H . 4.05 1.19 23.64
C14 L2P H . 2.74 1.48 22.88
C15 L2P H . 5.09 0.58 22.70
C16 L2P H . 5.95 1.70 22.11
C17 L2P H . 7.38 1.21 21.97
C41 L2P H . -0.62 -0.92 23.73
C42 L2P H . -2.12 -0.69 23.48
C43 L2P H . -2.55 0.63 24.13
C44 L2P H . -3.92 0.45 24.80
C45 L2P H . -2.67 1.68 23.05
C46 L2P H . -1.42 2.56 23.14
C47 L2P H . -1.19 3.24 21.81
C48 L2P H . -0.38 4.52 22.06
C49 L2P H . -1.32 5.73 21.92
C50 L2P H . 0.81 4.61 21.10
C51 L2P H . 0.33 4.78 19.65
C52 L2P H . 1.53 4.81 18.69
C53 L2P H . 1.03 5.03 17.25
C54 L2P H . 0.17 3.85 16.84
C55 L2P H . 2.22 5.14 16.29
C56 L2P H . 2.19 6.50 15.60
C57 L2P H . 1.90 6.31 14.11
#